data_6XN6
#
_entry.id   6XN6
#
_cell.length_a   62.090
_cell.length_b   62.090
_cell.length_c   167.154
_cell.angle_alpha   90.00
_cell.angle_beta   90.00
_cell.angle_gamma   90.00
#
_symmetry.space_group_name_H-M   'P 43 21 2'
#
loop_
_entity.id
_entity.type
_entity.pdbx_description
1 polymer 'ScoE protein'
2 non-polymer '(3~{R})-3-(2-hydroxy-2-oxoethylamino)butanoic acid'
3 non-polymer 'ACETATE ION'
4 non-polymer 'FE (II) ION'
5 non-polymer 'CHLORIDE ION'
6 water water
#
_entity_poly.entity_id   1
_entity_poly.type   'polypeptide(L)'
_entity_poly.pdbx_seq_one_letter_code
;MKETAAAKFERQHMDSPDLGTGGGSGIEGRMQIDEQPGNAIGAAVEGFDHATASDADIDALKSTIYTKKIAVLKGQDLSP
QQFLALGKRLGRPEAYYEPMYQHPEVTEIFVSSNVPENGKQIGVPKTGKFWHADYQFMPDPFGITLIYPQVIPEKNRGTY
FIDMGRAYDRLPEDLKKEISGTYCRHSVRKYFKIRPHDVYRPISEIIEEVERKTPAVVQPTTFTHPMTGETVLYISEGFT
VGIEDQDGKPLDEELLKRLFDATGQLDESFEHDNIHLQSFEQGDLLVWDNRSLIHRARHTTTPEPTVSYRVTVHDERKLH
DGIQAA
;
_entity_poly.pdbx_strand_id   A
#
loop_
_chem_comp.id
_chem_comp.type
_chem_comp.name
_chem_comp.formula
7UC non-polymer '(3~{R})-3-(2-hydroxy-2-oxoethylamino)butanoic acid' 'C6 H11 N O4'
ACT non-polymer 'ACETATE ION' 'C2 H3 O2 -1'
CL non-polymer 'CHLORIDE ION' 'Cl -1'
FE2 non-polymer 'FE (II) ION' 'Fe 2'
#
# COMPACT_ATOMS: atom_id res chain seq x y z
N GLU A 28 4.26 29.79 3.20
CA GLU A 28 3.10 29.09 2.65
C GLU A 28 2.44 29.92 1.56
N GLY A 29 1.45 29.33 0.87
CA GLY A 29 0.80 29.99 -0.24
C GLY A 29 1.61 29.95 -1.53
N ARG A 30 2.10 28.76 -1.90
CA ARG A 30 2.83 28.60 -3.15
C ARG A 30 2.59 27.20 -3.74
N MET A 31 1.99 26.31 -2.96
CA MET A 31 1.71 24.97 -3.44
C MET A 31 0.65 25.01 -4.54
N GLN A 32 0.87 24.22 -5.59
CA GLN A 32 -0.06 24.13 -6.71
C GLN A 32 -0.34 22.65 -7.01
N ILE A 33 -1.62 22.29 -7.06
CA ILE A 33 -2.06 20.92 -7.31
C ILE A 33 -2.66 20.84 -8.70
N ASP A 34 -2.13 19.95 -9.52
CA ASP A 34 -2.56 19.73 -10.90
C ASP A 34 -3.15 18.33 -10.97
N GLU A 35 -4.48 18.25 -10.87
CA GLU A 35 -5.18 16.98 -10.91
C GLU A 35 -5.29 16.46 -12.33
N GLN A 36 -5.16 15.15 -12.50
CA GLN A 36 -5.41 14.55 -13.81
C GLN A 36 -6.88 14.74 -14.19
N PRO A 37 -7.17 14.88 -15.48
CA PRO A 37 -8.51 15.32 -15.89
C PRO A 37 -9.57 14.25 -15.62
N GLY A 38 -10.67 14.67 -15.01
CA GLY A 38 -11.83 13.80 -14.89
C GLY A 38 -11.63 12.70 -13.87
N ASN A 39 -11.89 11.47 -14.30
CA ASN A 39 -11.77 10.30 -13.45
C ASN A 39 -10.39 9.66 -13.49
N ALA A 40 -9.47 10.21 -14.27
CA ALA A 40 -8.12 9.65 -14.34
C ALA A 40 -7.42 9.76 -12.99
N ILE A 41 -6.69 8.71 -12.64
CA ILE A 41 -6.01 8.65 -11.34
C ILE A 41 -4.82 9.59 -11.31
N GLY A 42 -4.64 10.29 -10.20
CA GLY A 42 -3.38 10.91 -9.91
C GLY A 42 -3.44 12.43 -9.97
N ALA A 43 -2.44 13.05 -9.35
CA ALA A 43 -2.26 14.50 -9.38
C ALA A 43 -0.79 14.80 -9.12
N ALA A 44 -0.30 15.87 -9.73
CA ALA A 44 1.04 16.39 -9.45
C ALA A 44 0.93 17.60 -8.55
N VAL A 45 1.86 17.71 -7.60
CA VAL A 45 1.86 18.77 -6.59
C VAL A 45 3.20 19.48 -6.67
N GLU A 46 3.19 20.74 -7.10
CA GLU A 46 4.41 21.53 -7.17
C GLU A 46 4.44 22.55 -6.05
N GLY A 47 5.65 22.96 -5.67
CA GLY A 47 5.81 23.99 -4.66
C GLY A 47 5.42 23.59 -3.26
N PHE A 48 5.49 22.31 -2.94
CA PHE A 48 5.15 21.84 -1.59
C PHE A 48 6.42 21.83 -0.74
N ASP A 49 6.39 22.57 0.36
CA ASP A 49 7.45 22.58 1.36
C ASP A 49 6.82 22.18 2.69
N HIS A 50 7.12 20.97 3.17
CA HIS A 50 6.47 20.46 4.37
C HIS A 50 6.76 21.32 5.59
N ALA A 51 7.87 22.05 5.60
CA ALA A 51 8.21 22.85 6.77
C ALA A 51 7.40 24.13 6.87
N THR A 52 6.88 24.63 5.75
CA THR A 52 6.18 25.90 5.74
C THR A 52 4.75 25.82 5.24
N ALA A 53 4.31 24.68 4.73
CA ALA A 53 2.95 24.55 4.22
C ALA A 53 1.93 24.98 5.27
N SER A 54 0.89 25.68 4.81
CA SER A 54 -0.18 26.13 5.70
C SER A 54 -1.08 24.96 6.07
N ASP A 55 -1.94 25.20 7.06
CA ASP A 55 -2.98 24.22 7.38
C ASP A 55 -3.87 23.97 6.17
N ALA A 56 -4.24 25.04 5.44
CA ALA A 56 -5.07 24.87 4.26
C ALA A 56 -4.33 24.08 3.18
N ASP A 57 -3.02 24.28 3.05
CA ASP A 57 -2.22 23.49 2.11
C ASP A 57 -2.35 22.00 2.41
N ILE A 58 -2.18 21.64 3.69
CA ILE A 58 -2.28 20.23 4.08
C ILE A 58 -3.68 19.70 3.84
N ASP A 59 -4.70 20.50 4.17
CA ASP A 59 -6.07 20.08 3.92
C ASP A 59 -6.32 19.81 2.44
N ALA A 60 -5.79 20.67 1.56
CA ALA A 60 -5.99 20.46 0.12
C ALA A 60 -5.22 19.23 -0.36
N LEU A 61 -4.01 19.02 0.15
CA LEU A 61 -3.25 17.84 -0.22
C LEU A 61 -3.97 16.57 0.21
N LYS A 62 -4.48 16.55 1.45
CA LYS A 62 -5.21 15.37 1.92
C LYS A 62 -6.46 15.13 1.09
N SER A 63 -7.21 16.19 0.77
N SER A 63 -7.21 16.19 0.77
CA SER A 63 -8.36 16.04 -0.11
CA SER A 63 -8.36 16.04 -0.11
C SER A 63 -7.97 15.45 -1.45
C SER A 63 -7.97 15.44 -1.46
N THR A 64 -6.82 15.87 -2.00
CA THR A 64 -6.35 15.32 -3.27
C THR A 64 -6.01 13.85 -3.17
N ILE A 65 -5.35 13.44 -2.07
CA ILE A 65 -5.03 12.04 -1.86
C ILE A 65 -6.30 11.19 -1.86
N TYR A 66 -7.33 11.62 -1.12
CA TYR A 66 -8.52 10.79 -1.03
C TYR A 66 -9.32 10.78 -2.34
N THR A 67 -9.23 11.84 -3.12
CA THR A 67 -10.05 11.90 -4.34
C THR A 67 -9.29 11.46 -5.58
N LYS A 68 -8.04 11.88 -5.74
CA LYS A 68 -7.25 11.46 -6.89
C LYS A 68 -6.36 10.24 -6.61
N LYS A 69 -6.31 9.80 -5.35
CA LYS A 69 -5.76 8.51 -4.92
C LYS A 69 -4.24 8.48 -4.86
N ILE A 70 -3.54 9.12 -5.81
CA ILE A 70 -2.09 9.26 -5.75
C ILE A 70 -1.73 10.72 -5.98
N ALA A 71 -1.08 11.33 -5.00
CA ALA A 71 -0.50 12.65 -5.14
C ALA A 71 1.01 12.52 -5.33
N VAL A 72 1.55 13.09 -6.39
CA VAL A 72 3.00 13.05 -6.63
C VAL A 72 3.57 14.40 -6.25
N LEU A 73 4.30 14.46 -5.14
CA LEU A 73 4.98 15.68 -4.74
C LEU A 73 6.24 15.84 -5.59
N LYS A 74 6.37 16.98 -6.26
CA LYS A 74 7.50 17.18 -7.17
C LYS A 74 8.64 17.91 -6.47
N GLY A 75 9.86 17.63 -6.91
CA GLY A 75 11.02 18.39 -6.47
C GLY A 75 11.37 18.27 -5.00
N GLN A 76 11.14 17.11 -4.39
CA GLN A 76 11.45 16.90 -2.99
C GLN A 76 12.89 16.44 -2.84
N ASP A 77 13.67 17.19 -2.06
CA ASP A 77 15.09 16.89 -1.81
C ASP A 77 15.26 16.81 -0.30
N LEU A 78 14.97 15.63 0.26
CA LEU A 78 14.82 15.47 1.70
C LEU A 78 15.78 14.42 2.24
N SER A 79 16.35 14.71 3.40
CA SER A 79 17.03 13.70 4.18
C SER A 79 16.00 12.71 4.73
N PRO A 80 16.45 11.54 5.22
CA PRO A 80 15.49 10.62 5.88
C PRO A 80 14.74 11.28 7.00
N GLN A 81 15.43 12.11 7.79
CA GLN A 81 14.78 12.84 8.87
C GLN A 81 13.73 13.81 8.33
N GLN A 82 14.04 14.51 7.23
CA GLN A 82 13.07 15.44 6.67
C GLN A 82 11.88 14.70 6.05
N PHE A 83 12.13 13.52 5.48
CA PHE A 83 11.04 12.74 4.91
C PHE A 83 10.06 12.33 6.01
N LEU A 84 10.57 11.92 7.18
CA LEU A 84 9.69 11.64 8.30
C LEU A 84 8.93 12.89 8.74
N ALA A 85 9.60 14.05 8.73
CA ALA A 85 8.93 15.30 9.10
C ALA A 85 7.76 15.58 8.16
N LEU A 86 7.96 15.35 6.87
CA LEU A 86 6.89 15.53 5.90
C LEU A 86 5.71 14.61 6.21
N GLY A 87 6.00 13.33 6.49
CA GLY A 87 4.92 12.42 6.84
C GLY A 87 4.15 12.87 8.06
N LYS A 88 4.86 13.40 9.07
CA LYS A 88 4.22 13.91 10.28
C LYS A 88 3.25 15.05 10.00
N ARG A 89 3.43 15.78 8.88
CA ARG A 89 2.45 16.81 8.53
C ARG A 89 1.13 16.18 8.11
N LEU A 90 1.16 14.93 7.62
CA LEU A 90 -0.06 14.31 7.11
C LEU A 90 -0.74 13.37 8.11
N GLY A 91 -0.01 12.85 9.09
CA GLY A 91 -0.63 11.94 10.03
C GLY A 91 0.40 11.41 11.01
N ARG A 92 0.00 10.35 11.72
CA ARG A 92 0.82 9.77 12.78
C ARG A 92 1.60 8.59 12.21
N PRO A 93 2.93 8.66 12.10
CA PRO A 93 3.67 7.55 11.50
C PRO A 93 3.64 6.31 12.37
N GLU A 94 3.56 5.15 11.72
CA GLU A 94 3.74 3.87 12.40
C GLU A 94 4.91 3.12 11.77
N ALA A 95 5.82 2.63 12.61
CA ALA A 95 6.96 1.87 12.11
C ALA A 95 6.54 0.45 11.80
N TYR A 96 7.22 -0.16 10.84
CA TYR A 96 6.91 -1.54 10.47
C TYR A 96 7.24 -2.50 11.61
N TYR A 97 6.35 -3.46 11.85
CA TYR A 97 6.46 -4.33 13.02
C TYR A 97 7.63 -5.31 12.97
N GLU A 98 8.24 -5.53 11.80
CA GLU A 98 9.47 -6.33 11.72
C GLU A 98 10.65 -5.41 11.50
N PRO A 99 11.60 -5.32 12.43
CA PRO A 99 12.59 -4.24 12.36
C PRO A 99 13.68 -4.44 11.32
N MET A 100 13.82 -5.62 10.71
CA MET A 100 14.84 -5.73 9.67
C MET A 100 14.55 -4.80 8.49
N TYR A 101 13.30 -4.36 8.34
CA TYR A 101 12.92 -3.40 7.30
C TYR A 101 13.29 -1.97 7.64
N GLN A 102 13.68 -1.67 8.87
CA GLN A 102 13.74 -0.28 9.30
C GLN A 102 15.06 0.39 8.91
N HIS A 103 14.95 1.67 8.56
CA HIS A 103 16.13 2.48 8.24
C HIS A 103 17.05 2.52 9.47
N PRO A 104 18.37 2.51 9.28
CA PRO A 104 19.27 2.46 10.45
C PRO A 104 19.23 3.69 11.34
N GLU A 105 18.82 4.84 10.82
CA GLU A 105 18.73 6.03 11.65
C GLU A 105 17.31 6.37 12.06
N VAL A 106 16.32 6.02 11.22
CA VAL A 106 14.94 6.44 11.42
C VAL A 106 14.08 5.17 11.49
N THR A 107 13.69 4.75 12.70
CA THR A 107 12.92 3.51 12.87
C THR A 107 11.64 3.54 12.06
N GLU A 108 11.04 4.71 11.88
CA GLU A 108 9.75 4.83 11.22
C GLU A 108 9.81 4.65 9.71
N ILE A 109 10.99 4.67 9.11
CA ILE A 109 11.15 4.50 7.67
C ILE A 109 11.35 3.03 7.36
N PHE A 110 10.50 2.50 6.48
CA PHE A 110 10.59 1.15 5.92
C PHE A 110 11.43 1.24 4.65
N VAL A 111 12.43 0.38 4.51
CA VAL A 111 13.38 0.48 3.41
C VAL A 111 13.24 -0.76 2.53
N SER A 112 12.92 -0.53 1.26
CA SER A 112 13.00 -1.56 0.23
C SER A 112 14.25 -1.28 -0.59
N SER A 113 15.21 -2.20 -0.56
CA SER A 113 16.52 -1.91 -1.15
C SER A 113 17.20 -3.19 -1.61
N ASN A 114 17.77 -3.15 -2.82
CA ASN A 114 18.71 -4.19 -3.24
C ASN A 114 20.04 -3.60 -3.70
N VAL A 115 20.44 -2.48 -3.09
CA VAL A 115 21.78 -1.91 -3.29
C VAL A 115 22.52 -1.97 -1.96
N PRO A 116 23.55 -2.80 -1.84
CA PRO A 116 24.30 -2.87 -0.57
C PRO A 116 24.96 -1.53 -0.26
N GLU A 117 25.09 -1.23 1.03
CA GLU A 117 25.76 -0.04 1.52
C GLU A 117 26.90 -0.48 2.43
N ASN A 118 28.14 -0.19 2.03
CA ASN A 118 29.33 -0.76 2.65
C ASN A 118 29.25 -2.28 2.70
N GLY A 119 28.72 -2.88 1.62
CA GLY A 119 28.51 -4.31 1.57
C GLY A 119 27.34 -4.83 2.38
N LYS A 120 26.67 -3.99 3.16
CA LYS A 120 25.62 -4.44 4.06
C LYS A 120 24.25 -4.30 3.40
N GLN A 121 23.33 -5.21 3.75
CA GLN A 121 21.95 -5.11 3.31
C GLN A 121 21.20 -4.12 4.20
N ILE A 122 20.67 -3.06 3.59
CA ILE A 122 19.84 -2.09 4.30
C ILE A 122 18.39 -2.40 3.94
N GLY A 123 17.52 -2.46 4.95
CA GLY A 123 16.16 -2.83 4.63
C GLY A 123 16.09 -4.25 4.06
N VAL A 124 15.12 -4.47 3.18
CA VAL A 124 14.83 -5.80 2.65
C VAL A 124 14.75 -5.71 1.13
N PRO A 125 15.31 -6.67 0.39
CA PRO A 125 15.26 -6.60 -1.08
C PRO A 125 13.95 -7.12 -1.65
N LYS A 126 13.57 -6.54 -2.78
CA LYS A 126 12.48 -7.07 -3.63
C LYS A 126 11.17 -7.22 -2.85
N THR A 127 10.84 -6.19 -2.07
CA THR A 127 9.57 -6.22 -1.34
C THR A 127 8.40 -5.99 -2.28
N GLY A 128 7.23 -6.45 -1.85
CA GLY A 128 5.97 -6.11 -2.50
C GLY A 128 5.77 -6.67 -3.90
N LYS A 129 6.36 -7.83 -4.22
CA LYS A 129 6.14 -8.48 -5.52
C LYS A 129 4.85 -9.28 -5.53
N PHE A 130 3.75 -8.64 -5.14
CA PHE A 130 2.44 -9.27 -5.06
C PHE A 130 1.43 -8.15 -4.83
N TRP A 131 0.20 -8.34 -5.28
CA TRP A 131 -0.82 -7.32 -5.03
C TRP A 131 -1.12 -7.24 -3.55
N HIS A 132 -1.17 -6.02 -3.00
CA HIS A 132 -1.50 -5.87 -1.59
C HIS A 132 -1.88 -4.43 -1.30
N ALA A 133 -2.60 -4.27 -0.19
CA ALA A 133 -2.67 -3.00 0.50
C ALA A 133 -1.78 -3.10 1.73
N ASP A 134 -1.11 -2.01 2.08
CA ASP A 134 -0.15 -2.06 3.16
C ASP A 134 -0.85 -2.29 4.50
N TYR A 135 -0.28 -3.18 5.31
CA TYR A 135 -0.81 -3.58 6.62
C TYR A 135 -2.22 -4.16 6.55
N GLN A 136 -2.62 -4.68 5.39
CA GLN A 136 -3.93 -5.30 5.25
C GLN A 136 -4.07 -6.54 6.13
N PHE A 137 -2.96 -7.14 6.55
CA PHE A 137 -2.94 -8.29 7.43
C PHE A 137 -2.92 -7.91 8.92
N MET A 138 -3.03 -6.62 9.23
CA MET A 138 -3.01 -6.11 10.58
C MET A 138 -4.39 -5.63 10.99
N PRO A 139 -4.71 -5.65 12.28
CA PRO A 139 -6.06 -5.25 12.72
C PRO A 139 -6.37 -3.77 12.51
N ASP A 140 -5.38 -2.88 12.44
CA ASP A 140 -5.61 -1.43 12.46
C ASP A 140 -4.75 -0.75 11.40
N PRO A 141 -5.06 -0.96 10.11
CA PRO A 141 -4.18 -0.44 9.06
C PRO A 141 -4.28 1.08 8.96
N PHE A 142 -3.14 1.69 8.61
CA PHE A 142 -3.04 3.13 8.41
C PHE A 142 -3.61 3.52 7.04
N GLY A 143 -4.13 4.75 6.96
CA GLY A 143 -4.81 5.18 5.75
C GLY A 143 -3.94 5.74 4.64
N ILE A 144 -2.69 6.12 4.92
CA ILE A 144 -1.88 6.85 3.93
C ILE A 144 -0.48 6.24 3.86
N THR A 145 -0.03 5.92 2.65
CA THR A 145 1.33 5.45 2.41
C THR A 145 2.10 6.53 1.65
N LEU A 146 3.34 6.78 2.07
CA LEU A 146 4.24 7.70 1.38
C LEU A 146 5.46 6.92 0.92
N ILE A 147 5.83 7.07 -0.35
CA ILE A 147 7.01 6.43 -0.91
C ILE A 147 7.92 7.51 -1.47
N TYR A 148 9.20 7.47 -1.09
CA TYR A 148 10.21 8.42 -1.53
C TYR A 148 11.29 7.62 -2.24
N PRO A 149 11.20 7.44 -3.56
CA PRO A 149 12.23 6.67 -4.29
C PRO A 149 13.60 7.32 -4.16
N GLN A 150 14.61 6.49 -3.87
CA GLN A 150 15.99 6.92 -3.72
C GLN A 150 16.83 6.54 -4.92
N VAL A 151 16.71 5.30 -5.38
CA VAL A 151 17.37 4.81 -6.59
C VAL A 151 16.26 4.32 -7.51
N ILE A 152 16.19 4.89 -8.70
CA ILE A 152 15.08 4.68 -9.63
C ILE A 152 15.64 3.98 -10.88
N PRO A 153 15.11 2.81 -11.26
CA PRO A 153 15.55 2.19 -12.53
C PRO A 153 15.34 3.13 -13.71
N GLU A 154 16.31 3.12 -14.63
CA GLU A 154 16.12 3.90 -15.85
C GLU A 154 14.93 3.39 -16.65
N LYS A 155 14.86 2.07 -16.86
CA LYS A 155 13.81 1.49 -17.70
C LYS A 155 12.64 0.97 -16.88
N ASN A 156 12.88 -0.02 -16.02
CA ASN A 156 11.82 -0.75 -15.32
C ASN A 156 11.38 -0.05 -14.05
N ARG A 157 11.00 1.23 -14.15
CA ARG A 157 10.62 1.99 -12.98
C ARG A 157 9.10 2.04 -12.85
N GLY A 158 8.66 2.37 -11.64
CA GLY A 158 7.26 2.60 -11.35
C GLY A 158 6.67 1.51 -10.46
N THR A 159 5.45 1.79 -10.01
CA THR A 159 4.68 0.86 -9.20
C THR A 159 3.29 0.73 -9.82
N TYR A 160 2.76 -0.50 -9.83
CA TYR A 160 1.43 -0.76 -10.33
C TYR A 160 0.38 -0.55 -9.24
N PHE A 161 -0.78 -0.05 -9.65
CA PHE A 161 -1.89 0.25 -8.74
C PHE A 161 -3.21 -0.23 -9.32
N ILE A 162 -4.13 -0.65 -8.46
CA ILE A 162 -5.54 -0.80 -8.81
C ILE A 162 -6.36 -0.05 -7.78
N ASP A 163 -7.32 0.76 -8.24
CA ASP A 163 -8.25 1.45 -7.35
C ASP A 163 -9.40 0.48 -7.08
N MET A 164 -9.47 -0.06 -5.85
CA MET A 164 -10.43 -1.10 -5.55
C MET A 164 -11.83 -0.55 -5.28
N GLY A 165 -11.99 0.78 -5.20
CA GLY A 165 -13.33 1.33 -5.18
C GLY A 165 -13.89 1.38 -6.59
N ARG A 166 -13.09 1.90 -7.53
CA ARG A 166 -13.45 1.80 -8.94
C ARG A 166 -13.60 0.35 -9.37
N ALA A 167 -12.71 -0.54 -8.90
CA ALA A 167 -12.83 -1.94 -9.28
C ALA A 167 -14.13 -2.55 -8.75
N TYR A 168 -14.52 -2.19 -7.52
CA TYR A 168 -15.82 -2.63 -7.02
C TYR A 168 -16.94 -2.18 -7.96
N ASP A 169 -16.94 -0.90 -8.35
CA ASP A 169 -18.01 -0.34 -9.17
C ASP A 169 -18.15 -1.08 -10.50
N ARG A 170 -17.02 -1.54 -11.06
CA ARG A 170 -16.98 -2.21 -12.34
C ARG A 170 -17.33 -3.70 -12.28
N LEU A 171 -17.45 -4.27 -11.09
CA LEU A 171 -17.85 -5.68 -11.00
C LEU A 171 -19.23 -5.88 -11.62
N PRO A 172 -19.50 -7.05 -12.16
CA PRO A 172 -20.89 -7.40 -12.52
C PRO A 172 -21.79 -7.26 -11.32
N GLU A 173 -23.03 -6.85 -11.57
CA GLU A 173 -23.99 -6.64 -10.48
C GLU A 173 -24.15 -7.90 -9.63
N ASP A 174 -24.21 -9.07 -10.27
CA ASP A 174 -24.40 -10.29 -9.48
C ASP A 174 -23.18 -10.58 -8.59
N LEU A 175 -21.98 -10.20 -9.04
CA LEU A 175 -20.80 -10.41 -8.20
C LEU A 175 -20.81 -9.45 -7.02
N LYS A 176 -21.25 -8.21 -7.21
CA LYS A 176 -21.49 -7.33 -6.07
C LYS A 176 -22.45 -7.98 -5.09
N LYS A 177 -23.53 -8.60 -5.60
CA LYS A 177 -24.49 -9.24 -4.73
C LYS A 177 -23.85 -10.40 -3.97
N GLU A 178 -23.02 -11.19 -4.65
CA GLU A 178 -22.46 -12.39 -4.02
C GLU A 178 -21.55 -12.04 -2.84
N ILE A 179 -20.86 -10.91 -2.88
CA ILE A 179 -20.00 -10.52 -1.76
C ILE A 179 -20.71 -9.64 -0.74
N SER A 180 -21.97 -9.27 -0.99
CA SER A 180 -22.69 -8.41 -0.07
C SER A 180 -22.91 -9.16 1.25
N GLY A 181 -22.49 -8.56 2.35
CA GLY A 181 -22.61 -9.19 3.64
C GLY A 181 -21.49 -10.15 4.02
N THR A 182 -20.52 -10.40 3.13
CA THR A 182 -19.45 -11.33 3.44
C THR A 182 -18.31 -10.63 4.18
N TYR A 183 -17.42 -11.45 4.73
N TYR A 183 -17.38 -11.45 4.69
CA TYR A 183 -16.19 -11.02 5.37
CA TYR A 183 -16.20 -11.00 5.41
C TYR A 183 -15.01 -11.66 4.67
C TYR A 183 -14.99 -11.75 4.88
N CYS A 184 -13.83 -11.07 4.86
CA CYS A 184 -12.60 -11.66 4.35
C CYS A 184 -11.58 -11.80 5.47
N ARG A 185 -10.71 -12.78 5.32
CA ARG A 185 -9.64 -13.07 6.26
C ARG A 185 -8.32 -12.75 5.58
N HIS A 186 -7.48 -11.98 6.25
CA HIS A 186 -6.23 -11.49 5.68
C HIS A 186 -5.07 -11.92 6.57
N SER A 187 -3.98 -12.35 5.94
CA SER A 187 -2.84 -12.89 6.68
C SER A 187 -1.56 -12.66 5.88
N VAL A 188 -0.46 -12.48 6.62
CA VAL A 188 0.83 -12.28 6.02
C VAL A 188 1.50 -13.63 5.77
N ARG A 189 0.78 -14.73 6.03
CA ARG A 189 1.46 -16.04 6.09
C ARG A 189 2.12 -16.46 4.79
N LYS A 190 1.70 -15.95 3.64
CA LYS A 190 2.35 -16.35 2.40
C LYS A 190 3.61 -15.55 2.13
N TYR A 191 3.64 -14.27 2.51
CA TYR A 191 4.72 -13.41 2.07
C TYR A 191 5.61 -12.90 3.19
N PHE A 192 5.41 -13.39 4.42
CA PHE A 192 6.36 -13.17 5.49
C PHE A 192 7.76 -13.56 5.02
N LYS A 193 8.72 -12.65 5.20
CA LYS A 193 10.06 -12.81 4.68
C LYS A 193 10.98 -13.37 5.76
N ILE A 194 11.74 -14.42 5.43
CA ILE A 194 12.68 -15.01 6.36
C ILE A 194 13.66 -13.95 6.85
N ARG A 195 13.96 -13.97 8.13
CA ARG A 195 14.84 -13.00 8.76
C ARG A 195 16.20 -13.61 9.04
N PRO A 196 17.24 -12.79 9.14
CA PRO A 196 18.57 -13.37 9.44
C PRO A 196 18.60 -14.30 10.63
N HIS A 197 17.82 -14.03 11.68
CA HIS A 197 17.86 -14.88 12.86
C HIS A 197 17.00 -16.13 12.73
N ASP A 198 16.29 -16.31 11.62
CA ASP A 198 15.51 -17.51 11.37
C ASP A 198 16.35 -18.68 10.88
N VAL A 199 17.61 -18.44 10.52
CA VAL A 199 18.44 -19.49 9.93
C VAL A 199 18.66 -20.60 10.94
N TYR A 200 18.51 -21.85 10.48
CA TYR A 200 18.62 -23.11 11.22
C TYR A 200 17.38 -23.41 12.03
N ARG A 201 16.32 -22.55 12.00
CA ARG A 201 15.06 -22.92 12.65
C ARG A 201 14.24 -23.84 11.75
N PRO A 202 13.48 -24.76 12.34
CA PRO A 202 12.54 -25.55 11.54
C PRO A 202 11.41 -24.67 11.05
N ILE A 203 11.00 -24.90 9.80
CA ILE A 203 10.05 -23.99 9.18
C ILE A 203 8.70 -24.02 9.91
N SER A 204 8.30 -25.16 10.49
CA SER A 204 7.01 -25.20 11.20
C SER A 204 6.99 -24.25 12.38
N GLU A 205 8.14 -24.09 13.05
N GLU A 205 8.13 -24.05 13.05
CA GLU A 205 8.27 -23.16 14.17
CA GLU A 205 8.14 -23.13 14.19
C GLU A 205 8.00 -21.72 13.72
C GLU A 205 8.02 -21.67 13.75
N ILE A 206 8.55 -21.34 12.56
CA ILE A 206 8.35 -19.99 12.04
C ILE A 206 6.91 -19.79 11.61
N ILE A 207 6.33 -20.80 10.94
CA ILE A 207 4.92 -20.75 10.54
C ILE A 207 4.04 -20.52 11.77
N GLU A 208 4.27 -21.29 12.84
CA GLU A 208 3.47 -21.11 14.05
C GLU A 208 3.70 -19.74 14.68
N GLU A 209 4.94 -19.26 14.65
CA GLU A 209 5.22 -17.94 15.24
C GLU A 209 4.48 -16.83 14.52
N VAL A 210 4.40 -16.92 13.18
CA VAL A 210 3.66 -15.94 12.39
C VAL A 210 2.18 -15.95 12.76
N GLU A 211 1.59 -17.14 12.94
CA GLU A 211 0.18 -17.20 13.32
C GLU A 211 -0.05 -16.61 14.70
N ARG A 212 0.95 -16.68 15.59
CA ARG A 212 0.78 -16.10 16.93
C ARG A 212 1.03 -14.59 16.91
N LYS A 213 2.08 -14.17 16.22
CA LYS A 213 2.49 -12.77 16.23
C LYS A 213 1.54 -11.90 15.43
N THR A 214 1.09 -12.41 14.27
CA THR A 214 0.20 -11.69 13.37
C THR A 214 -0.91 -12.64 12.95
N PRO A 215 -1.84 -12.93 13.87
CA PRO A 215 -2.96 -13.80 13.52
C PRO A 215 -3.78 -13.20 12.38
N ALA A 216 -4.42 -14.07 11.62
CA ALA A 216 -5.25 -13.58 10.52
C ALA A 216 -6.33 -12.65 11.06
N VAL A 217 -6.62 -11.59 10.31
N VAL A 217 -6.61 -11.59 10.31
CA VAL A 217 -7.62 -10.60 10.73
CA VAL A 217 -7.52 -10.53 10.70
C VAL A 217 -8.84 -10.73 9.83
C VAL A 217 -8.74 -10.59 9.79
N VAL A 218 -10.01 -10.47 10.41
N VAL A 218 -9.93 -10.53 10.38
CA VAL A 218 -11.27 -10.52 9.68
CA VAL A 218 -11.17 -10.51 9.61
C VAL A 218 -11.77 -9.10 9.46
C VAL A 218 -11.60 -9.06 9.41
N GLN A 219 -12.11 -8.78 8.22
CA GLN A 219 -12.65 -7.48 7.86
C GLN A 219 -13.88 -7.70 7.01
N PRO A 220 -14.83 -6.76 7.00
CA PRO A 220 -15.87 -6.82 5.97
C PRO A 220 -15.24 -6.81 4.59
N THR A 221 -15.78 -7.62 3.69
CA THR A 221 -15.24 -7.70 2.34
C THR A 221 -15.24 -6.34 1.65
N THR A 222 -16.33 -5.60 1.81
CA THR A 222 -16.41 -4.21 1.37
C THR A 222 -16.64 -3.31 2.58
N PHE A 223 -16.09 -2.10 2.50
CA PHE A 223 -16.40 -1.09 3.52
C PHE A 223 -16.56 0.27 2.86
N THR A 224 -17.13 1.19 3.62
CA THR A 224 -17.35 2.56 3.15
C THR A 224 -16.15 3.43 3.51
N HIS A 225 -15.55 4.05 2.51
CA HIS A 225 -14.42 4.95 2.70
C HIS A 225 -14.85 6.11 3.60
N PRO A 226 -14.23 6.30 4.76
CA PRO A 226 -14.66 7.40 5.65
C PRO A 226 -14.56 8.77 5.03
N MET A 227 -13.63 8.99 4.10
CA MET A 227 -13.42 10.33 3.57
C MET A 227 -14.26 10.62 2.33
N THR A 228 -14.53 9.60 1.51
CA THR A 228 -15.22 9.81 0.24
C THR A 228 -16.61 9.20 0.19
N GLY A 229 -16.91 8.23 1.04
CA GLY A 229 -18.15 7.49 0.94
C GLY A 229 -18.15 6.37 -0.09
N GLU A 230 -17.06 6.16 -0.83
CA GLU A 230 -17.03 5.09 -1.82
C GLU A 230 -17.08 3.73 -1.15
N THR A 231 -17.69 2.77 -1.85
CA THR A 231 -17.58 1.37 -1.42
C THR A 231 -16.27 0.80 -1.96
N VAL A 232 -15.44 0.28 -1.07
CA VAL A 232 -14.12 -0.27 -1.41
C VAL A 232 -14.17 -1.79 -1.26
N LEU A 233 -13.71 -2.50 -2.29
CA LEU A 233 -13.54 -3.95 -2.22
C LEU A 233 -12.16 -4.18 -1.63
N TYR A 234 -12.10 -4.53 -0.34
CA TYR A 234 -10.84 -4.60 0.41
C TYR A 234 -10.31 -6.03 0.41
N ILE A 235 -9.75 -6.44 -0.73
CA ILE A 235 -9.07 -7.73 -0.89
C ILE A 235 -7.80 -7.53 -1.69
N SER A 236 -6.88 -8.49 -1.56
CA SER A 236 -5.71 -8.49 -2.41
C SER A 236 -5.21 -9.91 -2.55
N GLU A 237 -4.61 -10.22 -3.70
CA GLU A 237 -4.14 -11.57 -3.94
C GLU A 237 -3.06 -11.94 -2.93
N GLY A 238 -2.29 -10.96 -2.48
CA GLY A 238 -1.16 -11.22 -1.61
C GLY A 238 -1.52 -11.57 -0.19
N PHE A 239 -2.53 -10.89 0.38
CA PHE A 239 -2.85 -11.07 1.78
C PHE A 239 -4.22 -11.71 2.04
N THR A 240 -5.16 -11.72 1.09
CA THR A 240 -6.50 -12.19 1.41
C THR A 240 -6.56 -13.70 1.19
N VAL A 241 -6.73 -14.44 2.29
CA VAL A 241 -6.58 -15.89 2.28
C VAL A 241 -7.91 -16.63 2.42
N GLY A 242 -9.00 -15.94 2.76
CA GLY A 242 -10.28 -16.62 2.87
C GLY A 242 -11.43 -15.64 2.81
N ILE A 243 -12.60 -16.17 2.45
CA ILE A 243 -13.82 -15.38 2.46
C ILE A 243 -14.90 -16.19 3.18
N GLU A 244 -15.74 -15.50 3.95
CA GLU A 244 -16.72 -16.14 4.82
C GLU A 244 -18.07 -15.47 4.62
N ASP A 245 -19.14 -16.22 4.85
CA ASP A 245 -20.46 -15.65 4.63
C ASP A 245 -20.85 -14.74 5.80
N GLN A 246 -22.07 -14.20 5.72
CA GLN A 246 -22.57 -13.27 6.72
C GLN A 246 -22.64 -13.88 8.12
N ASP A 247 -22.60 -15.21 8.23
CA ASP A 247 -22.64 -15.87 9.52
C ASP A 247 -21.27 -16.39 9.96
N GLY A 248 -20.20 -16.01 9.26
CA GLY A 248 -18.88 -16.49 9.62
C GLY A 248 -18.52 -17.88 9.12
N LYS A 249 -19.34 -18.48 8.25
CA LYS A 249 -18.97 -19.80 7.74
C LYS A 249 -18.07 -19.65 6.51
N PRO A 250 -16.94 -20.35 6.44
CA PRO A 250 -16.04 -20.19 5.28
C PRO A 250 -16.72 -20.52 3.97
N LEU A 251 -16.49 -19.68 2.97
CA LEU A 251 -16.98 -19.90 1.62
C LEU A 251 -15.86 -20.47 0.75
N ASP A 252 -16.24 -21.19 -0.31
CA ASP A 252 -15.25 -21.72 -1.23
C ASP A 252 -14.38 -20.60 -1.79
N GLU A 253 -13.07 -20.81 -1.76
CA GLU A 253 -12.15 -19.75 -2.18
C GLU A 253 -12.18 -19.50 -3.67
N GLU A 254 -12.96 -20.28 -4.44
CA GLU A 254 -13.13 -19.90 -5.84
C GLU A 254 -13.79 -18.54 -5.98
N LEU A 255 -14.56 -18.10 -4.97
CA LEU A 255 -15.12 -16.75 -5.00
C LEU A 255 -14.00 -15.72 -4.98
N LEU A 256 -13.01 -15.90 -4.11
CA LEU A 256 -11.85 -15.01 -4.11
C LEU A 256 -11.15 -15.02 -5.45
N LYS A 257 -10.95 -16.22 -6.03
CA LYS A 257 -10.30 -16.29 -7.34
C LYS A 257 -11.08 -15.51 -8.39
N ARG A 258 -12.41 -15.62 -8.37
CA ARG A 258 -13.20 -14.88 -9.34
C ARG A 258 -13.13 -13.37 -9.10
N LEU A 259 -13.03 -12.95 -7.84
CA LEU A 259 -12.88 -11.52 -7.56
C LEU A 259 -11.49 -11.02 -7.96
N PHE A 260 -10.44 -11.79 -7.65
CA PHE A 260 -9.10 -11.47 -8.12
C PHE A 260 -9.09 -11.35 -9.65
N ASP A 261 -9.74 -12.29 -10.33
CA ASP A 261 -9.76 -12.28 -11.79
C ASP A 261 -10.49 -11.05 -12.32
N ALA A 262 -11.69 -10.79 -11.80
CA ALA A 262 -12.48 -9.66 -12.29
C ALA A 262 -11.79 -8.33 -12.06
N THR A 263 -11.03 -8.19 -10.97
CA THR A 263 -10.47 -6.88 -10.66
C THR A 263 -9.10 -6.67 -11.28
N GLY A 264 -8.56 -7.67 -12.00
CA GLY A 264 -7.30 -7.49 -12.68
C GLY A 264 -6.08 -8.03 -11.96
N GLN A 265 -6.26 -8.69 -10.82
CA GLN A 265 -5.12 -9.09 -10.00
C GLN A 265 -4.46 -10.39 -10.46
N LEU A 266 -5.04 -11.10 -11.42
CA LEU A 266 -4.42 -12.33 -11.91
C LEU A 266 -3.80 -12.16 -13.29
N ASP A 267 -3.70 -10.93 -13.79
CA ASP A 267 -3.16 -10.66 -15.12
C ASP A 267 -1.66 -10.37 -15.00
N GLU A 268 -0.82 -11.38 -15.25
CA GLU A 268 0.62 -11.20 -15.15
C GLU A 268 1.19 -10.37 -16.30
N SER A 269 0.38 -10.05 -17.31
CA SER A 269 0.79 -9.09 -18.34
C SER A 269 0.60 -7.64 -17.91
N PHE A 270 -0.19 -7.40 -16.87
CA PHE A 270 -0.47 -6.04 -16.37
C PHE A 270 -1.15 -5.17 -17.42
N GLU A 271 -1.94 -5.77 -18.31
CA GLU A 271 -2.66 -5.00 -19.32
C GLU A 271 -4.12 -4.73 -18.97
N HIS A 272 -4.66 -5.39 -17.93
CA HIS A 272 -6.05 -5.22 -17.52
C HIS A 272 -6.42 -3.74 -17.39
N ASP A 273 -7.66 -3.42 -17.75
CA ASP A 273 -8.11 -2.03 -17.74
C ASP A 273 -8.06 -1.38 -16.37
N ASN A 274 -8.10 -2.16 -15.28
CA ASN A 274 -8.06 -1.57 -13.94
C ASN A 274 -6.66 -1.14 -13.53
N ILE A 275 -5.62 -1.62 -14.21
CA ILE A 275 -4.25 -1.48 -13.73
C ILE A 275 -3.66 -0.16 -14.21
N HIS A 276 -3.07 0.58 -13.27
CA HIS A 276 -2.41 1.86 -13.53
C HIS A 276 -0.93 1.68 -13.19
N LEU A 277 -0.05 2.02 -14.12
CA LEU A 277 1.39 2.05 -13.83
C LEU A 277 1.76 3.47 -13.48
N GLN A 278 2.17 3.69 -12.22
CA GLN A 278 2.59 5.00 -11.76
C GLN A 278 4.11 5.08 -11.87
N SER A 279 4.59 5.95 -12.75
CA SER A 279 6.02 6.17 -12.88
C SER A 279 6.41 7.40 -12.06
N PHE A 280 7.71 7.69 -12.01
CA PHE A 280 8.20 8.84 -11.26
C PHE A 280 9.61 9.15 -11.72
N GLU A 281 10.08 10.35 -11.35
CA GLU A 281 11.44 10.78 -11.62
C GLU A 281 12.09 11.22 -10.32
N GLN A 282 13.40 11.46 -10.38
CA GLN A 282 14.13 11.83 -9.17
C GLN A 282 13.53 13.09 -8.53
N GLY A 283 13.31 13.03 -7.23
CA GLY A 283 12.66 14.11 -6.51
C GLY A 283 11.16 13.94 -6.34
N ASP A 284 10.54 13.01 -7.06
CA ASP A 284 9.14 12.71 -6.83
C ASP A 284 8.97 11.98 -5.50
N LEU A 285 7.81 12.17 -4.90
CA LEU A 285 7.46 11.53 -3.63
C LEU A 285 5.99 11.21 -3.72
N LEU A 286 5.65 9.92 -3.69
CA LEU A 286 4.29 9.46 -3.90
C LEU A 286 3.57 9.39 -2.57
N VAL A 287 2.36 9.95 -2.52
CA VAL A 287 1.52 9.83 -1.33
C VAL A 287 0.17 9.30 -1.78
N TRP A 288 -0.25 8.16 -1.24
CA TRP A 288 -1.44 7.55 -1.80
C TRP A 288 -2.38 6.99 -0.75
N ASP A 289 -3.60 6.76 -1.21
CA ASP A 289 -4.76 6.31 -0.44
C ASP A 289 -4.64 4.81 -0.21
N ASN A 290 -4.21 4.42 0.99
CA ASN A 290 -4.03 3.00 1.34
C ASN A 290 -5.33 2.35 1.84
N ARG A 291 -6.47 3.06 1.77
CA ARG A 291 -7.77 2.39 1.86
C ARG A 291 -8.23 1.90 0.48
N SER A 292 -8.20 2.79 -0.50
CA SER A 292 -8.74 2.51 -1.84
C SER A 292 -7.83 1.65 -2.69
N LEU A 293 -6.50 1.82 -2.58
CA LEU A 293 -5.60 1.25 -3.57
C LEU A 293 -4.98 -0.05 -3.09
N ILE A 294 -4.76 -0.97 -4.03
CA ILE A 294 -3.77 -2.02 -3.86
C ILE A 294 -2.65 -1.72 -4.84
N HIS A 295 -1.48 -2.29 -4.59
CA HIS A 295 -0.32 -1.96 -5.40
C HIS A 295 0.60 -3.18 -5.46
N ARG A 296 1.59 -3.10 -6.35
N ARG A 296 1.58 -3.11 -6.37
CA ARG A 296 2.48 -4.23 -6.63
CA ARG A 296 2.49 -4.22 -6.59
C ARG A 296 3.72 -3.72 -7.35
C ARG A 296 3.73 -3.69 -7.30
N ALA A 297 4.89 -4.24 -6.96
CA ALA A 297 6.11 -3.96 -7.69
C ALA A 297 6.07 -4.59 -9.08
N ARG A 298 6.91 -4.07 -9.98
CA ARG A 298 6.98 -4.65 -11.32
C ARG A 298 7.73 -5.99 -11.28
N HIS A 299 7.56 -6.77 -12.36
CA HIS A 299 8.40 -7.94 -12.55
C HIS A 299 9.86 -7.51 -12.63
N THR A 300 10.76 -8.40 -12.21
CA THR A 300 12.20 -8.14 -12.35
C THR A 300 12.63 -8.53 -13.77
N THR A 301 12.18 -7.73 -14.73
CA THR A 301 12.54 -7.99 -16.12
C THR A 301 13.89 -7.39 -16.50
N THR A 302 14.48 -6.55 -15.65
CA THR A 302 15.81 -6.01 -15.82
C THR A 302 16.57 -6.16 -14.51
N PRO A 303 17.90 -6.08 -14.55
CA PRO A 303 18.68 -6.12 -13.31
C PRO A 303 18.83 -4.77 -12.62
N GLU A 304 18.05 -3.78 -13.01
CA GLU A 304 18.16 -2.45 -12.45
C GLU A 304 17.74 -2.46 -11.00
N PRO A 305 18.45 -1.79 -10.12
CA PRO A 305 18.11 -1.81 -8.70
C PRO A 305 17.04 -0.79 -8.35
N THR A 306 16.38 -1.05 -7.23
N THR A 306 16.39 -1.04 -7.23
CA THR A 306 15.41 -0.13 -6.65
CA THR A 306 15.41 -0.12 -6.67
C THR A 306 15.77 0.09 -5.20
C THR A 306 15.70 0.09 -5.20
N VAL A 307 15.69 1.34 -4.76
CA VAL A 307 15.78 1.68 -3.35
C VAL A 307 14.69 2.70 -3.10
N SER A 308 13.82 2.42 -2.14
N SER A 308 13.81 2.41 -2.15
CA SER A 308 12.76 3.35 -1.79
CA SER A 308 12.78 3.37 -1.79
C SER A 308 12.60 3.40 -0.28
C SER A 308 12.64 3.40 -0.27
N TYR A 309 12.31 4.59 0.23
CA TYR A 309 12.01 4.81 1.63
C TYR A 309 10.51 5.00 1.78
N ARG A 310 9.93 4.41 2.83
CA ARG A 310 8.49 4.44 3.02
C ARG A 310 8.14 4.92 4.42
N VAL A 311 7.18 5.84 4.49
CA VAL A 311 6.59 6.26 5.75
C VAL A 311 5.10 6.01 5.63
N THR A 312 4.49 5.48 6.70
CA THR A 312 3.09 5.09 6.66
C THR A 312 2.40 5.74 7.85
N VAL A 313 1.33 6.50 7.59
CA VAL A 313 0.75 7.34 8.63
C VAL A 313 -0.74 7.09 8.80
N HIS A 314 -1.20 7.14 10.04
CA HIS A 314 -2.61 7.14 10.38
C HIS A 314 -3.16 8.56 10.27
N ASP A 315 -4.29 8.72 9.58
CA ASP A 315 -4.93 10.02 9.51
C ASP A 315 -6.02 10.10 10.56
N GLU A 316 -7.00 11.01 10.37
CA GLU A 316 -7.95 11.29 11.44
C GLU A 316 -9.06 10.26 11.58
N ARG A 317 -9.14 9.26 10.71
CA ARG A 317 -10.13 8.22 10.84
C ARG A 317 -9.46 6.87 10.79
N LYS A 318 -10.10 5.86 11.39
CA LYS A 318 -9.66 4.50 11.20
C LYS A 318 -9.88 4.08 9.75
N LEU A 319 -9.29 2.94 9.37
CA LEU A 319 -9.39 2.49 7.99
C LEU A 319 -10.85 2.47 7.54
N HIS A 320 -11.73 1.90 8.34
CA HIS A 320 -13.18 2.02 8.16
C HIS A 320 -13.80 2.10 9.53
N ASP A 321 -15.09 2.43 9.56
CA ASP A 321 -15.73 2.76 10.84
C ASP A 321 -15.92 1.54 11.73
N GLY A 322 -15.81 0.33 11.19
CA GLY A 322 -15.93 -0.87 11.99
C GLY A 322 -14.71 -1.21 12.82
N ILE A 323 -13.58 -0.57 12.57
CA ILE A 323 -12.33 -0.93 13.27
C ILE A 323 -12.48 -0.65 14.77
OAC 7UC B . 8.47 -7.86 2.33
CAJ 7UC B . 7.41 -7.29 2.09
OAE 7UC B . 6.91 -7.24 0.88
CAG 7UC B . 6.61 -6.54 3.12
CAK 7UC B . 5.13 -6.91 3.18
CAA 7UC B . 5.01 -8.37 3.56
N 7UC B . 4.41 -6.04 4.14
CA 7UC B . 4.30 -4.61 3.72
C 7UC B . 3.13 -3.89 4.35
OXT 7UC B . 3.16 -2.72 4.64
O 7UC B . 2.09 -4.65 4.56
C ACT C . 11.09 15.69 12.41
O ACT C . 11.87 16.57 11.93
OXT ACT C . 10.07 15.87 13.15
CH3 ACT C . 11.47 14.20 12.02
C ACT D . 6.00 -2.49 -1.93
O ACT D . 6.85 -2.85 -1.06
OXT ACT D . 4.82 -2.08 -1.76
CH3 ACT D . 6.51 -2.53 -3.42
C ACT E . 0.78 11.45 -12.18
O ACT E . 1.97 11.20 -12.54
OXT ACT E . -0.21 10.66 -12.10
CH3 ACT E . 0.50 12.93 -11.77
FE FE2 F . 3.39 -2.04 -0.16
CL CL G . 6.29 -5.49 -15.13
#